data_2A98
#
_entry.id   2A98
#
_cell.length_a   87.720
_cell.length_b   87.720
_cell.length_c   174.940
_cell.angle_alpha   90.00
_cell.angle_beta   90.00
_cell.angle_gamma   120.00
#
_symmetry.space_group_name_H-M   'P 61 2 2'
#
loop_
_entity.id
_entity.type
_entity.pdbx_description
1 polymer 'Inositol 1,4,5-trisphosphate 3-kinase C'
2 non-polymer D-MYO-INOSITOL-1,4,5-TRIPHOSPHATE
#
_entity_poly.entity_id   1
_entity_poly.type   'polypeptide(L)'
_entity_poly.pdbx_seq_one_letter_code
;EDGRILKRFCQCEQRSLEQLMKDPLRPFVPAYYGMVLQDGQTFNQMEDLLADFEGPSIMDCKMGSRTYLEEELVKARERP
RPRKDMYEKMVAVDPGAPTPEEHAQGAVTKPRYMQWRETMSSTSTLGFRIEGIKKADGTCNTNFKKTQALEQVTKVLEDF
VDGDHVILQKYVACLEELREALEISPFFKTHEVVGSSLLFVHDHTGLAKVWMIDFGKTVALPDHQTLSHRLPWAEGNRED
GYLWGLDNMICLLQGLAQS
;
_entity_poly.pdbx_strand_id   A
#
# COMPACT_ATOMS: atom_id res chain seq x y z
N GLU A 1 2.04 -0.33 -23.61
CA GLU A 1 2.38 -1.47 -24.55
C GLU A 1 1.20 -2.50 -24.79
N ASP A 2 1.48 -3.81 -24.60
CA ASP A 2 0.61 -4.92 -25.05
C ASP A 2 0.67 -6.13 -24.07
N GLY A 3 -0.26 -6.18 -23.12
CA GLY A 3 -0.12 -7.05 -21.95
C GLY A 3 0.95 -6.48 -21.02
N ARG A 4 1.35 -5.24 -21.31
CA ARG A 4 2.40 -4.51 -20.57
C ARG A 4 1.98 -3.08 -20.23
N ILE A 5 2.52 -2.56 -19.13
CA ILE A 5 2.17 -1.23 -18.69
C ILE A 5 3.45 -0.50 -18.37
N LEU A 6 3.49 0.79 -18.65
CA LEU A 6 4.69 1.59 -18.39
C LEU A 6 4.47 2.42 -17.15
N LYS A 7 5.40 2.34 -16.21
CA LYS A 7 5.31 3.16 -15.00
C LYS A 7 6.49 4.15 -14.90
N ARG A 8 6.13 5.38 -14.49
CA ARG A 8 7.09 6.46 -14.26
C ARG A 8 8.30 5.93 -13.51
N PHE A 9 9.47 5.97 -14.12
CA PHE A 9 10.69 5.43 -13.53
C PHE A 9 11.01 5.97 -12.14
N CYS A 10 11.34 5.09 -11.21
CA CYS A 10 12.25 5.48 -10.13
C CYS A 10 13.19 4.37 -9.67
N GLN A 11 14.40 4.80 -9.28
CA GLN A 11 15.55 3.92 -9.03
C GLN A 11 15.21 2.91 -7.98
N CYS A 12 14.60 3.36 -6.90
CA CYS A 12 14.36 2.53 -5.76
C CYS A 12 13.48 1.34 -6.15
N GLU A 13 12.40 1.60 -6.89
CA GLU A 13 11.53 0.54 -7.41
C GLU A 13 12.25 -0.41 -8.40
N GLN A 14 13.13 0.13 -9.25
CA GLN A 14 13.91 -0.68 -10.19
C GLN A 14 14.67 -1.69 -9.35
N ARG A 15 15.49 -1.20 -8.42
CA ARG A 15 16.34 -2.07 -7.60
C ARG A 15 15.53 -3.07 -6.80
N SER A 16 14.40 -2.66 -6.26
CA SER A 16 13.48 -3.62 -5.58
C SER A 16 12.93 -4.74 -6.49
N LEU A 17 12.35 -4.34 -7.62
CA LEU A 17 11.90 -5.31 -8.62
C LEU A 17 13.00 -6.27 -9.06
N GLU A 18 14.17 -5.79 -9.46
CA GLU A 18 15.19 -6.74 -9.91
C GLU A 18 15.61 -7.76 -8.84
N GLN A 19 15.52 -7.38 -7.56
CA GLN A 19 15.72 -8.29 -6.40
C GLN A 19 14.55 -9.26 -6.16
N LEU A 20 13.34 -8.71 -6.15
CA LEU A 20 12.12 -9.50 -5.99
C LEU A 20 11.96 -10.56 -7.08
N MET A 21 12.50 -10.34 -8.28
CA MET A 21 12.41 -11.32 -9.38
C MET A 21 13.17 -12.62 -9.07
N LYS A 22 13.94 -12.62 -8.00
CA LYS A 22 14.85 -13.72 -7.66
C LYS A 22 14.51 -14.24 -6.26
N ASP A 23 13.40 -13.71 -5.74
CA ASP A 23 13.00 -13.91 -4.36
C ASP A 23 11.79 -14.85 -4.30
N PRO A 24 11.58 -15.52 -3.15
CA PRO A 24 10.34 -16.26 -2.97
C PRO A 24 9.06 -15.41 -3.16
N LEU A 25 9.13 -14.09 -3.05
CA LEU A 25 7.99 -13.24 -3.41
C LEU A 25 7.73 -13.08 -4.90
N ARG A 26 8.57 -13.63 -5.76
CA ARG A 26 8.32 -13.43 -7.19
C ARG A 26 6.83 -13.63 -7.65
N PRO A 27 6.17 -14.74 -7.26
CA PRO A 27 4.78 -14.94 -7.71
C PRO A 27 3.77 -13.86 -7.27
N PHE A 28 4.13 -13.06 -6.27
CA PHE A 28 3.19 -12.14 -5.67
C PHE A 28 3.41 -10.71 -6.13
N VAL A 29 4.35 -10.54 -7.08
CA VAL A 29 4.67 -9.22 -7.62
C VAL A 29 4.60 -9.18 -9.16
N PRO A 30 4.24 -8.03 -9.76
CA PRO A 30 4.15 -7.88 -11.21
C PRO A 30 5.46 -8.19 -11.90
N ALA A 31 5.48 -9.09 -12.87
CA ALA A 31 6.70 -9.30 -13.66
C ALA A 31 7.36 -7.97 -14.03
N TYR A 32 8.69 -7.92 -13.92
CA TYR A 32 9.45 -6.76 -14.33
C TYR A 32 10.26 -6.99 -15.63
N TYR A 33 9.99 -6.16 -16.64
CA TYR A 33 10.54 -6.38 -17.97
C TYR A 33 11.77 -5.52 -18.34
N GLY A 34 12.11 -4.54 -17.50
CA GLY A 34 13.23 -3.68 -17.78
C GLY A 34 12.78 -2.25 -17.91
N MET A 35 13.53 -1.43 -18.64
CA MET A 35 13.14 -0.06 -18.77
C MET A 35 12.98 0.34 -20.20
N VAL A 36 12.36 1.51 -20.40
CA VAL A 36 12.17 2.06 -21.73
C VAL A 36 12.14 3.63 -21.77
N LEU A 37 12.44 4.21 -22.91
CA LEU A 37 12.24 5.63 -23.10
C LEU A 37 11.13 5.85 -24.12
N GLN A 38 10.27 6.84 -23.88
CA GLN A 38 9.21 7.15 -24.82
C GLN A 38 8.69 8.55 -24.59
N ASP A 39 8.41 9.28 -25.69
CA ASP A 39 7.84 10.62 -25.60
C ASP A 39 8.53 11.46 -24.54
N GLY A 40 9.85 11.32 -24.47
CA GLY A 40 10.70 12.17 -23.64
C GLY A 40 10.83 11.79 -22.17
N GLN A 41 10.39 10.59 -21.79
CA GLN A 41 10.42 10.20 -20.38
C GLN A 41 10.96 8.81 -20.24
N THR A 42 11.39 8.47 -19.02
CA THR A 42 11.93 7.12 -18.80
C THR A 42 11.00 6.32 -17.89
N PHE A 43 10.84 5.03 -18.22
CA PHE A 43 9.80 4.17 -17.63
C PHE A 43 10.34 2.82 -17.20
N ASN A 44 9.81 2.30 -16.10
CA ASN A 44 9.89 0.88 -15.79
C ASN A 44 8.76 0.14 -16.51
N GLN A 45 9.08 -0.85 -17.33
CA GLN A 45 8.02 -1.63 -17.99
C GLN A 45 7.58 -2.80 -17.09
N MET A 46 6.27 -3.00 -16.98
CA MET A 46 5.70 -3.91 -15.97
C MET A 46 4.60 -4.75 -16.52
N GLU A 47 4.34 -5.87 -15.84
CA GLU A 47 3.21 -6.71 -16.18
C GLU A 47 1.90 -5.94 -15.95
N ASP A 48 0.97 -6.02 -16.92
CA ASP A 48 -0.40 -5.54 -16.70
C ASP A 48 -1.22 -6.59 -15.90
N LEU A 49 -1.53 -6.22 -14.65
CA LEU A 49 -2.03 -7.18 -13.68
C LEU A 49 -3.43 -7.53 -14.01
N LEU A 50 -4.07 -6.65 -14.76
CA LEU A 50 -5.46 -6.87 -15.15
C LEU A 50 -5.60 -7.76 -16.39
N ALA A 51 -4.48 -8.16 -16.99
CA ALA A 51 -4.55 -8.73 -18.37
C ALA A 51 -5.55 -9.88 -18.44
N ASP A 52 -5.47 -10.79 -17.47
CA ASP A 52 -6.24 -12.04 -17.45
C ASP A 52 -7.74 -11.90 -17.11
N PHE A 53 -8.18 -10.71 -16.72
CA PHE A 53 -9.54 -10.50 -16.18
C PHE A 53 -10.57 -9.97 -17.18
N GLU A 54 -11.84 -10.28 -16.94
CA GLU A 54 -12.96 -9.80 -17.75
C GLU A 54 -13.85 -8.91 -16.87
N GLY A 55 -13.69 -7.59 -16.98
CA GLY A 55 -14.52 -6.65 -16.20
C GLY A 55 -14.22 -6.70 -14.70
N PRO A 56 -12.92 -6.60 -14.34
CA PRO A 56 -12.49 -6.88 -12.98
C PRO A 56 -13.03 -5.91 -11.92
N SER A 57 -13.17 -6.40 -10.68
CA SER A 57 -13.27 -5.54 -9.49
C SER A 57 -11.85 -5.36 -8.97
N ILE A 58 -11.58 -4.23 -8.32
CA ILE A 58 -10.20 -3.88 -7.99
C ILE A 58 -10.12 -3.11 -6.68
N MET A 59 -9.31 -3.58 -5.75
CA MET A 59 -9.17 -2.83 -4.50
C MET A 59 -7.70 -2.68 -4.20
N ASP A 60 -7.28 -1.48 -3.79
CA ASP A 60 -5.88 -1.22 -3.41
C ASP A 60 -5.86 -0.82 -1.97
N CYS A 61 -5.12 -1.57 -1.13
CA CYS A 61 -4.85 -1.16 0.29
C CYS A 61 -3.38 -0.81 0.55
N LYS A 62 -3.14 0.41 1.02
CA LYS A 62 -1.83 0.75 1.53
C LYS A 62 -1.55 -0.04 2.81
N MET A 63 -0.33 -0.58 2.91
CA MET A 63 0.00 -1.56 3.96
C MET A 63 1.01 -1.00 4.95
N GLY A 64 0.75 -1.14 6.25
CA GLY A 64 1.72 -0.73 7.28
C GLY A 64 1.25 0.26 8.33
N SER A 65 2.00 0.43 9.42
CA SER A 65 1.65 1.43 10.44
C SER A 65 2.36 2.76 10.18
N ARG A 66 3.44 2.69 9.41
CA ARG A 66 4.08 3.93 9.05
C ARG A 66 4.16 4.04 7.52
N THR A 67 3.86 5.23 6.99
CA THR A 67 3.80 5.48 5.55
C THR A 67 4.90 6.45 5.02
N TYR A 68 5.72 7.02 5.90
CA TYR A 68 6.76 7.93 5.44
C TYR A 68 8.08 7.31 5.83
N LEU A 69 9.16 7.62 5.10
CA LEU A 69 10.52 7.18 5.50
C LEU A 69 11.03 7.94 6.72
N GLU A 70 11.96 7.33 7.47
CA GLU A 70 12.53 7.99 8.67
C GLU A 70 13.36 9.26 8.43
N GLU A 71 14.07 9.32 7.31
CA GLU A 71 14.89 10.49 7.03
C GLU A 71 14.02 11.62 6.48
N GLU A 72 12.71 11.48 6.62
CA GLU A 72 11.77 12.53 6.29
C GLU A 72 11.48 13.32 7.57
N LEU A 73 11.58 12.62 8.67
CA LEU A 73 11.22 13.07 9.98
C LEU A 73 12.46 13.66 10.65
N VAL A 74 13.60 13.05 10.37
CA VAL A 74 14.90 13.50 10.86
C VAL A 74 15.52 14.53 9.90
N LYS A 75 14.84 14.79 8.79
CA LYS A 75 15.22 15.84 7.85
C LYS A 75 14.14 16.90 7.79
N ALA A 76 13.10 16.71 8.60
CA ALA A 76 12.05 17.72 8.78
C ALA A 76 12.40 18.70 9.90
N ARG A 77 13.46 18.41 10.66
CA ARG A 77 13.92 19.29 11.74
C ARG A 77 15.13 20.10 11.33
N GLU A 78 16.02 19.48 10.54
CA GLU A 78 17.27 20.08 10.07
C GLU A 78 17.11 21.10 8.94
N ARG A 79 16.13 20.87 8.09
CA ARG A 79 15.82 21.82 7.02
C ARG A 79 14.35 21.59 6.60
N PRO A 80 13.41 22.22 7.33
CA PRO A 80 11.98 22.01 7.10
C PRO A 80 11.47 22.63 5.80
N ARG A 81 10.65 21.88 5.06
CA ARG A 81 10.08 22.36 3.80
C ARG A 81 8.56 22.14 3.77
N PRO A 82 7.79 23.17 4.19
CA PRO A 82 6.33 23.13 4.19
C PRO A 82 5.75 23.12 2.76
N ARG A 83 4.60 22.47 2.56
CA ARG A 83 4.04 22.24 1.21
C ARG A 83 2.62 22.80 1.07
N LYS A 84 2.36 23.55 -0.01
CA LYS A 84 0.99 24.03 -0.30
C LYS A 84 0.04 22.87 -0.66
N ASP A 85 0.48 22.07 -1.63
CA ASP A 85 0.05 20.68 -1.83
C ASP A 85 -0.83 20.13 -0.75
N MET A 86 -0.19 19.98 0.41
CA MET A 86 -0.63 19.07 1.44
C MET A 86 -1.56 19.73 2.44
N TYR A 87 -1.35 21.03 2.65
CA TYR A 87 -2.27 21.85 3.42
C TYR A 87 -3.71 21.77 2.85
N GLU A 88 -3.83 22.02 1.54
CA GLU A 88 -5.08 21.93 0.82
C GLU A 88 -5.69 20.52 0.83
N LYS A 89 -4.88 19.50 0.55
CA LYS A 89 -5.37 18.11 0.61
C LYS A 89 -5.83 17.77 2.01
N MET A 90 -5.28 18.47 2.99
CA MET A 90 -5.68 18.39 4.40
C MET A 90 -6.97 19.17 4.69
N VAL A 91 -7.01 20.46 4.33
CA VAL A 91 -8.18 21.31 4.59
C VAL A 91 -9.45 20.81 3.85
N ALA A 92 -9.23 20.12 2.72
CA ALA A 92 -10.30 19.52 1.90
C ALA A 92 -10.97 18.30 2.58
N VAL A 93 -10.33 17.85 3.66
CA VAL A 93 -10.86 16.77 4.48
C VAL A 93 -11.32 17.37 5.83
N ASP A 94 -10.43 18.05 6.55
CA ASP A 94 -10.78 18.69 7.85
C ASP A 94 -10.19 20.11 7.93
N PRO A 95 -11.03 21.14 7.78
CA PRO A 95 -10.44 22.46 7.99
C PRO A 95 -10.18 22.65 9.49
N GLY A 96 -9.18 23.42 9.87
CA GLY A 96 -8.91 23.52 11.31
C GLY A 96 -8.32 22.24 11.94
N ALA A 97 -8.10 21.21 11.12
CA ALA A 97 -7.08 20.21 11.42
C ALA A 97 -5.68 20.87 11.44
N PRO A 98 -5.39 21.82 10.50
CA PRO A 98 -4.17 22.65 10.63
C PRO A 98 -4.03 23.39 11.98
N THR A 99 -2.81 23.81 12.30
CA THR A 99 -2.54 24.59 13.51
C THR A 99 -2.69 26.07 13.14
N PRO A 100 -2.93 26.98 14.12
CA PRO A 100 -3.08 28.39 13.71
C PRO A 100 -1.87 28.95 12.92
N GLU A 101 -0.73 28.28 13.02
CA GLU A 101 0.50 28.66 12.29
C GLU A 101 0.50 28.06 10.89
N GLU A 102 0.11 26.80 10.80
CA GLU A 102 -0.09 26.15 9.51
C GLU A 102 -1.13 26.89 8.69
N HIS A 103 -2.21 27.35 9.33
CA HIS A 103 -3.22 28.23 8.71
C HIS A 103 -2.55 29.41 7.96
N ALA A 104 -1.85 30.27 8.69
CA ALA A 104 -1.27 31.51 8.11
C ALA A 104 -0.21 31.30 7.02
N GLN A 105 0.38 30.10 6.97
CA GLN A 105 1.37 29.72 5.95
C GLN A 105 0.78 29.10 4.69
N GLY A 106 -0.40 28.50 4.83
CA GLY A 106 -1.00 27.66 3.77
C GLY A 106 -0.15 26.43 3.46
N ALA A 107 0.45 25.86 4.50
CA ALA A 107 1.51 24.86 4.35
C ALA A 107 1.66 23.90 5.54
N VAL A 108 1.79 22.60 5.22
CA VAL A 108 2.14 21.56 6.21
C VAL A 108 3.41 20.78 5.78
N THR A 109 4.18 20.26 6.73
CA THR A 109 5.32 19.42 6.38
C THR A 109 4.82 18.03 5.96
N LYS A 110 5.65 17.26 5.25
CA LYS A 110 5.21 15.95 4.79
C LYS A 110 4.91 14.96 5.93
N PRO A 111 5.84 14.79 6.91
CA PRO A 111 5.62 13.77 7.95
C PRO A 111 4.37 14.08 8.77
N ARG A 112 4.15 15.38 9.00
CA ARG A 112 2.95 15.94 9.59
C ARG A 112 1.65 15.58 8.85
N TYR A 113 1.61 15.85 7.56
CA TYR A 113 0.50 15.43 6.72
C TYR A 113 0.34 13.88 6.77
N MET A 114 1.42 13.16 6.44
CA MET A 114 1.38 11.68 6.42
C MET A 114 0.95 11.17 7.78
N GLN A 115 1.41 11.83 8.85
CA GLN A 115 0.99 11.39 10.17
C GLN A 115 -0.51 11.56 10.38
N TRP A 116 -1.02 12.72 10.04
CA TRP A 116 -2.42 13.03 10.20
C TRP A 116 -3.25 12.03 9.36
N ARG A 117 -2.76 11.68 8.17
CA ARG A 117 -3.51 10.76 7.33
C ARG A 117 -3.56 9.34 7.87
N GLU A 118 -2.46 8.88 8.46
CA GLU A 118 -2.44 7.66 9.30
C GLU A 118 -3.43 7.59 10.49
N THR A 119 -3.66 8.70 11.18
CA THR A 119 -4.60 8.64 12.30
C THR A 119 -6.05 8.89 11.89
N MET A 120 -6.25 9.63 10.79
CA MET A 120 -7.59 9.84 10.27
C MET A 120 -8.14 8.59 9.59
N SER A 121 -7.27 7.62 9.27
CA SER A 121 -7.75 6.36 8.67
C SER A 121 -7.38 5.10 9.49
N SER A 122 -7.69 3.92 8.95
CA SER A 122 -7.42 2.66 9.66
C SER A 122 -5.94 2.36 9.89
N THR A 123 -5.02 3.08 9.23
CA THR A 123 -3.59 2.73 9.34
C THR A 123 -3.08 2.64 10.77
N SER A 124 -3.25 3.67 11.59
CA SER A 124 -2.74 3.55 12.96
C SER A 124 -3.50 2.56 13.85
N THR A 125 -4.76 2.26 13.55
CA THR A 125 -5.46 1.24 14.34
C THR A 125 -5.35 -0.19 13.75
N LEU A 126 -5.37 -0.36 12.41
CA LEU A 126 -5.31 -1.71 11.84
C LEU A 126 -3.99 -2.08 11.16
N GLY A 127 -3.18 -1.09 10.81
CA GLY A 127 -1.96 -1.33 10.08
C GLY A 127 -2.16 -1.54 8.59
N PHE A 128 -3.33 -1.15 8.06
CA PHE A 128 -3.59 -1.08 6.61
C PHE A 128 -4.75 -0.12 6.35
N ARG A 129 -4.89 0.36 5.12
CA ARG A 129 -6.01 1.22 4.80
C ARG A 129 -6.47 1.10 3.36
N ILE A 130 -7.78 1.13 3.15
CA ILE A 130 -8.31 1.04 1.80
C ILE A 130 -8.07 2.37 1.08
N GLU A 131 -7.57 2.31 -0.15
CA GLU A 131 -7.26 3.52 -0.86
C GLU A 131 -8.21 3.73 -2.02
N GLY A 132 -8.68 2.63 -2.60
CA GLY A 132 -9.27 2.68 -3.94
C GLY A 132 -10.16 1.47 -4.25
N ILE A 133 -11.32 1.73 -4.82
CA ILE A 133 -12.17 0.63 -5.25
C ILE A 133 -12.75 0.94 -6.58
N LYS A 134 -12.75 -0.04 -7.48
CA LYS A 134 -13.54 0.01 -8.71
C LYS A 134 -14.30 -1.30 -8.86
N LYS A 135 -15.63 -1.23 -8.96
CA LYS A 135 -16.44 -2.43 -8.98
C LYS A 135 -16.87 -2.84 -10.39
N ALA A 136 -17.37 -4.09 -10.48
CA ALA A 136 -17.79 -4.69 -11.76
C ALA A 136 -18.80 -3.81 -12.45
N ASP A 137 -19.60 -3.06 -11.69
CA ASP A 137 -20.64 -2.23 -12.27
C ASP A 137 -20.18 -0.89 -12.87
N GLY A 138 -18.90 -0.53 -12.72
CA GLY A 138 -18.40 0.69 -13.35
C GLY A 138 -18.21 1.82 -12.35
N THR A 139 -18.67 1.61 -11.13
CA THR A 139 -18.50 2.63 -10.11
C THR A 139 -17.15 2.50 -9.46
N CYS A 140 -16.72 3.57 -8.82
CA CYS A 140 -15.55 3.48 -8.02
C CYS A 140 -15.48 4.56 -6.96
N ASN A 141 -14.51 4.42 -6.08
CA ASN A 141 -14.43 5.24 -4.90
C ASN A 141 -12.97 5.39 -4.55
N THR A 142 -12.50 6.62 -4.36
CA THR A 142 -11.18 6.80 -3.79
C THR A 142 -11.24 7.68 -2.54
N ASN A 143 -12.43 7.85 -1.98
CA ASN A 143 -12.63 8.78 -0.88
C ASN A 143 -12.70 8.06 0.47
N PHE A 144 -11.54 7.71 1.00
CA PHE A 144 -11.46 6.86 2.17
C PHE A 144 -10.69 7.53 3.29
N LYS A 145 -10.56 8.84 3.19
CA LYS A 145 -9.75 9.61 4.12
C LYS A 145 -10.24 9.55 5.57
N LYS A 146 -11.49 9.15 5.78
CA LYS A 146 -12.08 9.13 7.11
C LYS A 146 -12.53 7.70 7.44
N THR A 147 -12.20 6.74 6.58
CA THR A 147 -12.51 5.34 6.85
C THR A 147 -11.58 4.83 7.94
N GLN A 148 -12.04 4.78 9.19
CA GLN A 148 -11.15 4.49 10.28
C GLN A 148 -11.52 3.33 11.16
N ALA A 149 -12.79 3.29 11.57
CA ALA A 149 -13.21 2.33 12.59
C ALA A 149 -13.34 0.95 11.94
N LEU A 150 -13.17 -0.10 12.74
CA LEU A 150 -13.17 -1.46 12.21
C LEU A 150 -14.45 -1.72 11.40
N GLU A 151 -15.60 -1.24 11.89
CA GLU A 151 -16.89 -1.45 11.21
C GLU A 151 -17.07 -0.65 9.91
N GLN A 152 -16.36 0.46 9.74
CA GLN A 152 -16.41 1.20 8.47
C GLN A 152 -15.61 0.42 7.42
N VAL A 153 -14.43 -0.07 7.82
CA VAL A 153 -13.59 -0.84 6.95
C VAL A 153 -14.33 -2.11 6.56
N THR A 154 -14.90 -2.84 7.52
CA THR A 154 -15.58 -4.07 7.10
C THR A 154 -16.77 -3.84 6.13
N LYS A 155 -17.51 -2.74 6.29
CA LYS A 155 -18.60 -2.41 5.34
C LYS A 155 -18.08 -2.28 3.93
N VAL A 156 -16.96 -1.59 3.77
CA VAL A 156 -16.40 -1.38 2.45
C VAL A 156 -15.97 -2.73 1.88
N LEU A 157 -15.27 -3.54 2.68
CA LEU A 157 -14.91 -4.90 2.26
C LEU A 157 -16.13 -5.70 1.86
N GLU A 158 -17.22 -5.59 2.59
CA GLU A 158 -18.41 -6.36 2.25
C GLU A 158 -18.92 -5.98 0.88
N ASP A 159 -18.99 -4.68 0.64
CA ASP A 159 -19.52 -4.16 -0.61
C ASP A 159 -18.63 -4.58 -1.77
N PHE A 160 -17.33 -4.66 -1.56
CA PHE A 160 -16.39 -4.99 -2.62
C PHE A 160 -16.49 -6.45 -3.03
N VAL A 161 -16.55 -7.38 -2.08
CA VAL A 161 -16.62 -8.81 -2.43
C VAL A 161 -18.04 -9.12 -2.88
N ASP A 162 -18.98 -8.25 -2.51
CA ASP A 162 -20.35 -8.25 -3.03
C ASP A 162 -21.04 -9.57 -2.81
N GLY A 163 -20.90 -10.13 -1.61
CA GLY A 163 -21.58 -11.38 -1.24
C GLY A 163 -21.08 -12.67 -1.88
N ASP A 164 -19.92 -12.62 -2.55
CA ASP A 164 -19.34 -13.77 -3.24
C ASP A 164 -18.23 -14.38 -2.40
N HIS A 165 -18.33 -15.68 -2.21
CA HIS A 165 -17.78 -16.20 -1.01
C HIS A 165 -16.74 -17.29 -1.05
N VAL A 166 -16.77 -18.25 -1.98
CA VAL A 166 -16.04 -18.20 -3.23
C VAL A 166 -14.95 -17.17 -3.40
N ILE A 167 -15.21 -16.00 -3.94
CA ILE A 167 -14.15 -15.02 -4.18
C ILE A 167 -13.42 -14.62 -2.89
N LEU A 168 -14.15 -14.55 -1.79
CA LEU A 168 -13.60 -14.15 -0.52
C LEU A 168 -12.70 -15.20 0.08
N GLN A 169 -13.09 -16.46 -0.04
CA GLN A 169 -12.23 -17.60 0.31
C GLN A 169 -10.96 -17.59 -0.50
N LYS A 170 -11.06 -17.25 -1.80
CA LYS A 170 -9.87 -17.25 -2.67
C LYS A 170 -8.86 -16.23 -2.19
N TYR A 171 -9.35 -15.05 -1.80
CA TYR A 171 -8.54 -13.97 -1.28
C TYR A 171 -7.92 -14.31 0.06
N VAL A 172 -8.65 -14.90 1.02
CA VAL A 172 -7.91 -15.31 2.21
C VAL A 172 -6.81 -16.35 1.89
N ALA A 173 -7.06 -17.29 0.94
CA ALA A 173 -6.00 -18.22 0.51
C ALA A 173 -4.77 -17.51 -0.13
N CYS A 174 -5.01 -16.45 -0.93
CA CYS A 174 -3.86 -15.64 -1.43
C CYS A 174 -3.10 -14.96 -0.29
N LEU A 175 -3.81 -14.28 0.59
CA LEU A 175 -3.16 -13.58 1.69
C LEU A 175 -2.43 -14.56 2.59
N GLU A 176 -3.05 -15.70 2.90
CA GLU A 176 -2.39 -16.69 3.76
C GLU A 176 -1.10 -17.21 3.13
N GLU A 177 -1.10 -17.43 1.81
CA GLU A 177 0.15 -17.90 1.18
C GLU A 177 1.18 -16.80 0.95
N LEU A 178 0.72 -15.56 0.77
CA LEU A 178 1.59 -14.39 0.80
C LEU A 178 2.37 -14.32 2.10
N ARG A 179 1.65 -14.54 3.20
CA ARG A 179 2.28 -14.41 4.48
C ARG A 179 3.33 -15.49 4.71
N GLU A 180 3.15 -16.69 4.15
CA GLU A 180 4.17 -17.74 4.34
C GLU A 180 5.44 -17.42 3.57
N ALA A 181 5.26 -16.78 2.42
CA ALA A 181 6.37 -16.33 1.60
C ALA A 181 7.08 -15.11 2.21
N LEU A 182 6.33 -14.14 2.78
CA LEU A 182 7.00 -13.01 3.44
C LEU A 182 7.84 -13.47 4.60
N GLU A 183 7.37 -14.48 5.32
CA GLU A 183 8.08 -14.90 6.53
C GLU A 183 9.42 -15.55 6.21
N ILE A 184 9.52 -16.22 5.06
CA ILE A 184 10.78 -16.85 4.63
C ILE A 184 11.60 -16.09 3.56
N SER A 185 11.21 -14.87 3.25
CA SER A 185 11.80 -14.08 2.17
C SER A 185 13.05 -13.28 2.59
N PRO A 186 14.22 -13.50 1.95
CA PRO A 186 15.35 -12.66 2.37
C PRO A 186 15.12 -11.18 2.04
N PHE A 187 14.36 -10.87 1.00
CA PHE A 187 14.17 -9.48 0.61
C PHE A 187 13.35 -8.76 1.65
N PHE A 188 12.20 -9.33 1.98
CA PHE A 188 11.33 -8.70 2.96
C PHE A 188 12.07 -8.59 4.30
N LYS A 189 12.75 -9.66 4.69
CA LYS A 189 13.41 -9.67 5.97
C LYS A 189 14.46 -8.54 6.08
N THR A 190 15.05 -8.14 4.95
CA THR A 190 16.17 -7.19 4.96
C THR A 190 15.80 -5.80 4.40
N HIS A 191 14.48 -5.53 4.30
CA HIS A 191 13.96 -4.24 3.82
C HIS A 191 12.85 -3.60 4.65
N GLU A 192 12.89 -2.27 4.69
CA GLU A 192 11.82 -1.45 5.25
C GLU A 192 10.81 -1.27 4.12
N VAL A 193 9.54 -1.59 4.36
CA VAL A 193 8.58 -1.52 3.26
C VAL A 193 7.46 -0.57 3.60
N VAL A 194 7.55 0.64 3.08
CA VAL A 194 6.62 1.69 3.44
C VAL A 194 6.06 2.25 2.15
N GLY A 195 4.78 2.60 2.19
CA GLY A 195 4.13 3.16 1.03
C GLY A 195 3.69 2.15 0.00
N SER A 196 3.84 0.84 0.27
CA SER A 196 3.49 -0.18 -0.74
C SER A 196 2.04 -0.62 -0.55
N SER A 197 1.47 -1.31 -1.55
CA SER A 197 0.09 -1.72 -1.45
C SER A 197 -0.14 -3.17 -1.76
N LEU A 198 -1.29 -3.67 -1.32
CA LEU A 198 -1.80 -4.93 -1.86
C LEU A 198 -2.87 -4.61 -2.88
N LEU A 199 -2.77 -5.18 -4.08
CA LEU A 199 -3.80 -4.97 -5.10
C LEU A 199 -4.64 -6.22 -5.23
N PHE A 200 -5.90 -6.12 -4.84
CA PHE A 200 -6.86 -7.20 -4.95
C PHE A 200 -7.61 -7.02 -6.25
N VAL A 201 -7.65 -8.05 -7.10
CA VAL A 201 -8.40 -8.04 -8.36
C VAL A 201 -9.17 -9.33 -8.48
N HIS A 202 -10.39 -9.27 -9.03
CA HIS A 202 -11.21 -10.46 -9.20
C HIS A 202 -12.29 -10.31 -10.27
N ASP A 203 -12.93 -11.44 -10.62
CA ASP A 203 -13.87 -11.60 -11.76
C ASP A 203 -15.16 -12.30 -11.49
N HIS A 204 -16.09 -12.15 -12.43
CA HIS A 204 -17.34 -12.89 -12.39
C HIS A 204 -17.11 -14.36 -12.80
N THR A 205 -15.96 -14.67 -13.41
CA THR A 205 -15.57 -16.06 -13.67
C THR A 205 -15.00 -16.72 -12.40
N GLY A 206 -14.87 -15.97 -11.31
CA GLY A 206 -14.36 -16.54 -10.05
C GLY A 206 -12.85 -16.52 -9.88
N LEU A 207 -12.15 -15.93 -10.84
CA LEU A 207 -10.70 -15.78 -10.76
C LEU A 207 -10.42 -14.66 -9.75
N ALA A 208 -9.45 -14.88 -8.87
CA ALA A 208 -9.02 -13.87 -7.88
C ALA A 208 -7.52 -13.92 -7.58
N LYS A 209 -6.90 -12.77 -7.35
CA LYS A 209 -5.47 -12.67 -7.06
C LYS A 209 -5.13 -11.42 -6.25
N VAL A 210 -3.98 -11.45 -5.56
CA VAL A 210 -3.48 -10.29 -4.79
C VAL A 210 -2.03 -10.11 -5.16
N TRP A 211 -1.63 -8.87 -5.40
CA TRP A 211 -0.20 -8.63 -5.70
C TRP A 211 0.29 -7.60 -4.74
N MET A 212 1.59 -7.62 -4.42
CA MET A 212 2.31 -6.50 -3.80
C MET A 212 2.75 -5.53 -4.88
N ILE A 213 2.48 -4.25 -4.69
CA ILE A 213 2.91 -3.20 -5.64
C ILE A 213 3.42 -1.94 -4.94
N ASP A 214 4.12 -1.14 -5.74
CA ASP A 214 4.60 0.16 -5.33
C ASP A 214 5.79 0.05 -4.39
N PHE A 215 6.98 -0.07 -4.97
CA PHE A 215 8.19 -0.24 -4.20
C PHE A 215 9.07 0.98 -4.24
N GLY A 216 8.46 2.15 -4.44
CA GLY A 216 9.18 3.43 -4.48
C GLY A 216 9.88 3.84 -3.19
N LYS A 217 9.53 3.21 -2.07
CA LYS A 217 10.17 3.53 -0.76
C LYS A 217 10.36 2.27 0.05
N THR A 218 10.73 1.20 -0.61
CA THR A 218 11.24 0.00 0.03
C THR A 218 12.75 0.11 0.04
N VAL A 219 13.32 0.20 1.24
CA VAL A 219 14.74 0.58 1.47
C VAL A 219 15.56 -0.54 2.11
N ALA A 220 16.80 -0.73 1.67
CA ALA A 220 17.66 -1.75 2.24
C ALA A 220 18.20 -1.34 3.61
N LEU A 221 18.10 -2.24 4.60
CA LEU A 221 18.76 -2.06 5.90
C LEU A 221 20.24 -2.40 5.81
N PRO A 222 21.10 -1.76 6.65
CA PRO A 222 22.53 -2.11 6.72
C PRO A 222 22.82 -3.55 7.15
N ASP A 223 23.86 -4.13 6.53
CA ASP A 223 24.32 -5.54 6.70
C ASP A 223 23.79 -6.40 7.86
N HIS A 224 23.26 -7.57 7.49
CA HIS A 224 22.87 -8.64 8.44
C HIS A 224 21.65 -8.25 9.27
N GLN A 225 21.16 -7.03 9.05
CA GLN A 225 20.13 -6.48 9.94
C GLN A 225 18.73 -6.77 9.46
N THR A 226 17.87 -7.15 10.40
CA THR A 226 16.54 -7.61 10.04
C THR A 226 15.41 -6.84 10.76
N LEU A 227 14.20 -6.97 10.22
CA LEU A 227 13.03 -6.43 10.89
C LEU A 227 12.04 -7.53 11.20
N SER A 228 11.27 -7.37 12.27
CA SER A 228 10.19 -8.31 12.56
C SER A 228 8.97 -7.98 11.70
N HIS A 229 8.83 -6.71 11.33
CA HIS A 229 7.62 -6.19 10.68
C HIS A 229 6.33 -6.36 11.51
N ARG A 230 6.51 -6.65 12.79
CA ARG A 230 5.37 -6.77 13.72
C ARG A 230 5.48 -5.79 14.90
N LEU A 231 6.67 -5.75 15.50
CA LEU A 231 7.02 -4.78 16.53
C LEU A 231 6.66 -3.35 16.17
N PRO A 232 6.17 -2.59 17.15
CA PRO A 232 5.69 -1.25 16.83
C PRO A 232 6.82 -0.24 16.52
N TRP A 233 6.56 0.69 15.62
CA TRP A 233 7.55 1.66 15.20
C TRP A 233 7.91 2.65 16.28
N ALA A 234 9.22 2.94 16.39
CA ALA A 234 9.76 4.03 17.22
C ALA A 234 10.98 4.62 16.51
N GLU A 235 11.11 5.94 16.53
CA GLU A 235 12.13 6.58 15.70
C GLU A 235 13.52 6.03 16.05
N GLY A 236 14.14 5.39 15.07
CA GLY A 236 15.38 4.68 15.31
C GLY A 236 15.26 3.23 14.93
N ASN A 237 14.08 2.63 15.11
CA ASN A 237 13.94 1.17 14.97
C ASN A 237 13.58 0.66 13.57
N ARG A 238 13.02 1.57 12.78
CA ARG A 238 12.66 1.32 11.38
C ARG A 238 11.56 0.28 11.17
N GLU A 239 10.91 -0.16 12.25
CA GLU A 239 9.78 -1.09 12.13
C GLU A 239 8.64 -0.51 11.30
N ASP A 240 7.86 -1.43 10.71
CA ASP A 240 6.96 -1.27 9.56
C ASP A 240 5.49 -1.37 9.89
N GLY A 241 5.20 -2.34 10.76
CA GLY A 241 3.84 -2.80 10.97
C GLY A 241 3.28 -3.51 9.76
N TYR A 242 4.14 -3.92 8.83
CA TYR A 242 3.62 -4.54 7.61
C TYR A 242 2.89 -5.82 7.96
N LEU A 243 3.55 -6.69 8.72
CA LEU A 243 2.95 -7.96 9.06
C LEU A 243 1.84 -7.81 10.11
N TRP A 244 1.83 -6.70 10.83
CA TRP A 244 0.73 -6.41 11.78
C TRP A 244 -0.50 -6.16 10.95
N GLY A 245 -0.33 -5.35 9.89
CA GLY A 245 -1.37 -5.05 8.90
C GLY A 245 -1.89 -6.33 8.28
N LEU A 246 -1.00 -7.08 7.62
CA LEU A 246 -1.39 -8.37 7.04
C LEU A 246 -2.15 -9.32 8.02
N ASP A 247 -1.60 -9.58 9.22
CA ASP A 247 -2.29 -10.39 10.24
C ASP A 247 -3.72 -9.89 10.48
N ASN A 248 -3.88 -8.59 10.75
CA ASN A 248 -5.19 -7.97 10.94
C ASN A 248 -6.09 -8.17 9.70
N MET A 249 -5.55 -7.97 8.50
CA MET A 249 -6.33 -8.15 7.28
C MET A 249 -6.86 -9.59 7.11
N ILE A 250 -5.98 -10.57 7.22
CA ILE A 250 -6.34 -11.97 7.19
C ILE A 250 -7.43 -12.30 8.24
N CYS A 251 -7.22 -11.84 9.46
CA CYS A 251 -8.18 -12.03 10.52
C CYS A 251 -9.55 -11.49 10.12
N LEU A 252 -9.61 -10.27 9.61
CA LEU A 252 -10.91 -9.70 9.31
C LEU A 252 -11.61 -10.42 8.16
N LEU A 253 -10.85 -10.73 7.09
CA LEU A 253 -11.43 -11.41 5.96
C LEU A 253 -11.91 -12.79 6.37
N GLN A 254 -11.16 -13.50 7.20
CA GLN A 254 -11.67 -14.78 7.69
C GLN A 254 -13.00 -14.57 8.42
N GLY A 255 -13.07 -13.48 9.20
CA GLY A 255 -14.31 -13.15 9.91
C GLY A 255 -15.47 -12.94 8.98
N LEU A 256 -15.21 -12.31 7.84
CA LEU A 256 -16.24 -12.23 6.80
C LEU A 256 -16.60 -13.60 6.24
N ALA A 257 -15.62 -14.49 6.17
CA ALA A 257 -15.86 -15.75 5.50
C ALA A 257 -16.73 -16.69 6.32
N GLN A 258 -16.84 -16.46 7.64
CA GLN A 258 -17.66 -17.29 8.54
C GLN A 258 -19.17 -17.04 8.40
N SER A 259 -19.50 -15.96 7.69
CA SER A 259 -20.68 -15.12 8.00
C SER A 259 -22.16 -15.42 7.59
#